data_2WLL
#
_entry.id   2WLL
#
_cell.length_a   92.840
_cell.length_b   105.620
_cell.length_c   258.630
_cell.angle_alpha   90.00
_cell.angle_beta   90.00
_cell.angle_gamma   90.00
#
_symmetry.space_group_name_H-M   'I 2 2 2'
#
loop_
_entity.id
_entity.type
_entity.pdbx_description
1 polymer 'POTASSIUM CHANNEL'
2 polymer 'POTASSIUM CHANNEL'
3 non-polymer 'MAGNESIUM ION'
4 non-polymer 'POTASSIUM ION'
5 non-polymer 'DIUNDECYL PHOSPHATIDYL CHOLINE'
#
loop_
_entity_poly.entity_id
_entity_poly.type
_entity_poly.pdbx_seq_one_letter_code
_entity_poly.pdbx_strand_id
1 'polypeptide(L)'
;MNVDPFSPHSSDSFAQAASPARKPPRGGRRIWSGTREVIAYGMPASVWRDLYYWALKVSWPVFFASLAALFVVNNTLFAL
LYQLGDAPIANQSPPGFVGAFFFSVETLATVGYGDMHPQTVYAHAIATLEIFVGMSGIALSTGLVFARFARPRAKIMFAR
HAIVRPFNGRMTLMVRAANARQNVIAEARAKMRLMRRRESSEGYSLMKLHDLKLVRNEHPIFLLGWNMMHVIDESSPLFG
ETPESLAEGRAMLLVMIEGSDETTAQVMQARHAWEHDDIRWHHRYVDLMSDVDGMTHIDYTRFNDTEPVEPPGAAPDAQA
FAAKPGEGDARPV
;
A
2 'polypeptide(L)'
;MNVDPFSPHSSDSFAQAASPARKPPRGGRRIWSGTREVIAYGMPASVWRDLYYWALKVSWPVFFASLAALFVVNNTLFAL
LYQLGDAPIANQSPPGFVGAFFFSVETLATVGYGDMHPQTVYAHAIATLEIFVGMSGIALSTGLVFARFARPRAKIMFAR
HAIVRPFNGRMTLMVRAANARQNVIAEARAKMRLMRREHSSEGYSLMKIHDLKLVRNEHPIFLLGWNMMHVIDESSPLFG
ETPESLAEGRAMLLVMIEGSDETTAQVMQARHAWEHDDIRWHHRYVDLMSDVDGMTHIDYTRFNDTEPVEPPGAAPDAQA
FAAKPGEGDARPV
;
B
#
# COMPACT_ATOMS: atom_id res chain seq x y z
N MET A 1 -6.83 6.94 -25.11
CA MET A 1 -7.58 8.15 -25.43
C MET A 1 -6.88 9.43 -24.98
N ASN A 2 -6.45 10.25 -25.94
CA ASN A 2 -5.80 11.54 -25.64
C ASN A 2 -6.47 12.71 -26.36
N VAL A 3 -6.48 13.86 -25.71
CA VAL A 3 -7.19 15.05 -26.19
C VAL A 3 -6.69 15.57 -27.53
N ASP A 4 -7.24 16.70 -27.97
CA ASP A 4 -6.82 17.32 -29.22
C ASP A 4 -7.81 18.32 -29.78
N VAL A 38 4.33 -20.29 5.20
CA VAL A 38 4.85 -20.56 3.86
C VAL A 38 5.71 -19.40 3.34
N ILE A 39 6.25 -19.56 2.13
CA ILE A 39 7.14 -18.56 1.54
C ILE A 39 7.03 -18.53 0.01
N ALA A 40 7.28 -17.37 -0.59
CA ALA A 40 7.16 -17.23 -2.04
C ALA A 40 8.52 -17.01 -2.69
N TYR A 41 8.61 -17.30 -3.99
CA TYR A 41 9.85 -17.14 -4.74
C TYR A 41 9.61 -16.74 -6.19
N GLY A 42 10.34 -15.72 -6.63
CA GLY A 42 10.24 -15.25 -8.00
C GLY A 42 9.63 -13.87 -8.09
N MET A 43 9.46 -13.23 -6.93
CA MET A 43 8.82 -11.92 -6.86
C MET A 43 9.79 -10.78 -7.17
N PRO A 44 9.25 -9.65 -7.65
CA PRO A 44 9.96 -8.40 -7.95
C PRO A 44 10.72 -7.87 -6.75
N ALA A 45 10.04 -7.12 -5.89
CA ALA A 45 10.65 -6.71 -4.63
C ALA A 45 11.79 -5.70 -4.74
N SER A 46 11.49 -4.52 -5.30
CA SER A 46 12.46 -3.43 -5.36
C SER A 46 12.84 -2.96 -3.97
N VAL A 47 14.11 -2.61 -3.77
CA VAL A 47 14.57 -2.22 -2.43
C VAL A 47 13.82 -1.02 -1.87
N TRP A 48 13.46 -0.08 -2.74
CA TRP A 48 12.73 1.11 -2.34
C TRP A 48 11.47 0.75 -1.56
N ARG A 49 10.53 0.11 -2.25
CA ARG A 49 9.25 -0.26 -1.66
C ARG A 49 9.40 -1.02 -0.35
N ASP A 50 10.41 -1.89 -0.29
CA ASP A 50 10.66 -2.71 0.89
C ASP A 50 11.01 -1.84 2.07
N LEU A 51 11.73 -0.75 1.79
CA LEU A 51 12.16 0.16 2.81
C LEU A 51 10.95 0.87 3.43
N TYR A 52 10.07 1.35 2.57
CA TYR A 52 8.84 2.00 3.00
C TYR A 52 8.02 1.07 3.89
N TYR A 53 7.90 -0.18 3.47
CA TYR A 53 7.15 -1.18 4.23
C TYR A 53 7.63 -1.23 5.67
N TRP A 54 8.94 -1.25 5.86
CA TRP A 54 9.48 -1.27 7.21
C TRP A 54 9.25 0.09 7.87
N ALA A 55 9.30 1.16 7.07
CA ALA A 55 9.06 2.48 7.62
C ALA A 55 7.71 2.53 8.33
N LEU A 56 6.81 1.63 7.96
CA LEU A 56 5.49 1.62 8.57
C LEU A 56 5.32 0.49 9.57
N LYS A 57 5.97 -0.64 9.33
CA LYS A 57 5.83 -1.78 10.24
C LYS A 57 6.60 -1.57 11.54
N VAL A 58 7.69 -0.82 11.45
CA VAL A 58 8.57 -0.57 12.59
C VAL A 58 7.84 0.14 13.74
N SER A 59 8.39 0.04 14.95
CA SER A 59 7.83 0.68 16.12
C SER A 59 8.30 2.12 16.24
N TRP A 60 7.49 2.98 16.85
CA TRP A 60 7.83 4.40 16.98
C TRP A 60 9.26 4.69 17.41
N PRO A 61 9.65 4.22 18.61
CA PRO A 61 11.02 4.49 19.04
C PRO A 61 11.99 4.17 17.92
N VAL A 62 11.89 2.96 17.38
CA VAL A 62 12.77 2.53 16.29
C VAL A 62 12.66 3.42 15.06
N PHE A 63 11.49 4.03 14.87
CA PHE A 63 11.29 4.91 13.75
C PHE A 63 12.27 6.07 13.81
N PHE A 64 12.25 6.78 14.92
CA PHE A 64 13.10 7.96 15.09
C PHE A 64 14.58 7.63 15.18
N ALA A 65 14.94 6.68 16.04
CA ALA A 65 16.31 6.26 16.15
C ALA A 65 16.83 6.02 14.74
N SER A 66 16.01 5.39 13.92
CA SER A 66 16.39 5.11 12.55
C SER A 66 16.67 6.42 11.82
N LEU A 67 15.79 7.39 11.99
CA LEU A 67 16.01 8.71 11.40
C LEU A 67 17.28 9.33 11.93
N ALA A 68 17.44 9.31 13.25
CA ALA A 68 18.67 9.80 13.86
C ALA A 68 19.86 9.20 13.13
N ALA A 69 20.02 7.89 13.22
CA ALA A 69 21.13 7.21 12.54
C ALA A 69 21.18 7.62 11.08
N LEU A 70 20.06 8.09 10.55
CA LEU A 70 20.01 8.54 9.16
C LEU A 70 20.34 10.02 9.09
N PHE A 71 20.06 10.72 10.17
CA PHE A 71 20.33 12.14 10.29
C PHE A 71 21.83 12.35 10.40
N VAL A 72 22.44 11.66 11.35
CA VAL A 72 23.88 11.74 11.53
C VAL A 72 24.57 11.45 10.21
N VAL A 73 24.27 10.28 9.65
CA VAL A 73 24.86 9.88 8.38
C VAL A 73 24.77 10.99 7.35
N ASN A 74 23.64 11.67 7.31
CA ASN A 74 23.42 12.69 6.30
C ASN A 74 24.35 13.90 6.47
N ASN A 75 24.67 14.24 7.71
CA ASN A 75 25.57 15.34 7.98
C ASN A 75 27.02 14.96 7.77
N THR A 76 27.42 13.85 8.36
CA THR A 76 28.73 13.29 8.13
C THR A 76 29.09 13.43 6.67
N LEU A 77 28.14 13.10 5.80
CA LEU A 77 28.34 13.15 4.36
C LEU A 77 28.58 14.56 3.83
N PHE A 78 27.81 15.53 4.29
CA PHE A 78 28.00 16.90 3.83
C PHE A 78 29.22 17.56 4.50
N ALA A 79 29.43 17.23 5.78
CA ALA A 79 30.56 17.77 6.51
C ALA A 79 31.84 17.43 5.75
N LEU A 80 31.95 16.17 5.36
CA LEU A 80 33.06 15.72 4.52
C LEU A 80 33.08 16.50 3.22
N LEU A 81 31.91 16.59 2.59
CA LEU A 81 31.78 17.32 1.33
C LEU A 81 32.28 18.76 1.49
N TYR A 82 32.21 19.29 2.71
CA TYR A 82 32.68 20.63 2.99
C TYR A 82 34.20 20.72 3.07
N GLN A 83 34.80 19.78 3.79
CA GLN A 83 36.25 19.77 3.98
C GLN A 83 37.02 19.75 2.66
N LEU A 84 36.36 19.26 1.61
CA LEU A 84 36.98 19.20 0.28
C LEU A 84 37.57 20.55 -0.11
N GLY A 85 36.81 21.61 0.10
CA GLY A 85 37.28 22.95 -0.18
C GLY A 85 37.68 23.67 1.10
N ASP A 86 38.87 24.24 1.11
CA ASP A 86 39.37 24.93 2.29
C ASP A 86 38.65 26.27 2.47
N ALA A 87 38.62 26.75 3.71
CA ALA A 87 37.91 27.98 4.04
C ALA A 87 36.43 27.84 3.70
N PRO A 88 35.79 26.79 4.22
CA PRO A 88 34.38 26.52 3.93
C PRO A 88 33.43 27.48 4.64
N ILE A 89 33.30 27.31 5.95
CA ILE A 89 32.40 28.13 6.75
C ILE A 89 33.17 29.13 7.61
N ALA A 90 32.75 30.39 7.55
CA ALA A 90 33.34 31.45 8.36
C ALA A 90 33.12 31.20 9.84
N ASN A 91 34.18 31.32 10.63
CA ASN A 91 34.11 31.08 12.07
C ASN A 91 33.76 29.63 12.38
N GLN A 92 34.18 28.74 11.50
CA GLN A 92 33.91 27.30 11.62
C GLN A 92 34.49 26.71 12.91
N SER A 93 33.69 26.72 13.97
CA SER A 93 34.14 26.28 15.30
C SER A 93 33.31 25.11 15.81
N PRO A 94 33.98 24.08 16.34
CA PRO A 94 35.44 23.97 16.47
C PRO A 94 36.12 23.78 15.12
N PRO A 95 37.17 24.58 14.87
CA PRO A 95 37.91 24.52 13.61
C PRO A 95 38.30 23.08 13.28
N GLY A 96 37.86 22.59 12.13
CA GLY A 96 38.13 21.22 11.73
C GLY A 96 36.87 20.55 11.26
N PHE A 97 36.87 19.23 11.24
CA PHE A 97 35.71 18.47 10.80
C PHE A 97 34.49 18.67 11.70
N VAL A 98 34.72 18.68 13.02
CA VAL A 98 33.63 18.79 13.97
C VAL A 98 32.85 20.09 13.81
N GLY A 99 33.54 21.14 13.36
CA GLY A 99 32.88 22.41 13.10
C GLY A 99 32.02 22.34 11.85
N ALA A 100 32.54 21.70 10.81
CA ALA A 100 31.82 21.54 9.55
C ALA A 100 30.62 20.65 9.75
N PHE A 101 30.71 19.74 10.72
CA PHE A 101 29.58 18.90 11.07
C PHE A 101 28.51 19.74 11.73
N PHE A 102 28.83 20.34 12.88
CA PHE A 102 27.85 21.13 13.62
C PHE A 102 27.30 22.31 12.83
N PHE A 103 27.91 22.61 11.70
CA PHE A 103 27.35 23.61 10.79
C PHE A 103 26.35 22.94 9.88
N SER A 104 26.68 21.73 9.45
CA SER A 104 25.77 20.93 8.64
C SER A 104 24.39 20.89 9.30
N VAL A 105 24.34 20.39 10.54
CA VAL A 105 23.09 20.30 11.27
C VAL A 105 22.40 21.66 11.31
N GLU A 106 23.18 22.73 11.18
CA GLU A 106 22.61 24.07 11.15
C GLU A 106 21.92 24.34 9.82
N THR A 107 22.61 24.04 8.73
CA THR A 107 22.10 24.35 7.40
C THR A 107 21.03 23.36 6.92
N LEU A 108 21.03 22.15 7.47
CA LEU A 108 20.12 21.12 6.99
C LEU A 108 18.70 21.27 7.57
N ALA A 109 18.60 21.80 8.77
CA ALA A 109 17.32 21.90 9.46
C ALA A 109 16.66 23.26 9.24
N THR A 110 17.27 24.07 8.38
CA THR A 110 16.81 25.43 8.12
C THR A 110 16.71 26.25 9.41
N VAL A 111 17.59 25.97 10.36
CA VAL A 111 17.66 26.76 11.58
C VAL A 111 18.60 27.92 11.35
N GLY A 112 19.72 27.64 10.70
CA GLY A 112 20.67 28.65 10.30
C GLY A 112 21.02 29.71 11.31
N TYR A 113 21.77 29.33 12.35
CA TYR A 113 22.17 30.28 13.37
C TYR A 113 22.79 31.54 12.75
N GLY A 114 23.76 31.34 11.86
CA GLY A 114 24.42 32.47 11.22
C GLY A 114 25.80 32.73 11.76
N ASP A 115 26.13 32.09 12.87
CA ASP A 115 27.48 32.17 13.40
C ASP A 115 28.44 31.73 12.30
N MET A 116 28.12 30.61 11.66
CA MET A 116 28.83 30.20 10.46
C MET A 116 28.18 30.83 9.25
N HIS A 117 28.94 30.89 8.16
CA HIS A 117 28.46 31.50 6.93
C HIS A 117 29.33 31.03 5.77
N PRO A 118 28.71 30.64 4.67
CA PRO A 118 29.47 30.19 3.49
C PRO A 118 30.36 31.31 2.98
N GLN A 119 31.68 31.10 3.03
CA GLN A 119 32.61 32.07 2.49
C GLN A 119 32.77 31.88 1.00
N THR A 120 33.56 30.86 0.63
CA THR A 120 33.82 30.56 -0.76
C THR A 120 32.54 30.26 -1.53
N VAL A 121 32.58 30.42 -2.85
CA VAL A 121 31.43 30.12 -3.69
C VAL A 121 31.01 28.67 -3.49
N TYR A 122 31.98 27.77 -3.60
CA TYR A 122 31.76 26.34 -3.38
C TYR A 122 31.05 26.07 -2.06
N ALA A 123 31.45 26.80 -1.03
CA ALA A 123 30.79 26.70 0.27
C ALA A 123 29.29 26.85 0.06
N HIS A 124 28.90 27.93 -0.60
CA HIS A 124 27.51 28.18 -0.92
C HIS A 124 26.90 27.05 -1.77
N ALA A 125 27.56 26.72 -2.87
CA ALA A 125 27.08 25.66 -3.76
C ALA A 125 26.66 24.44 -2.96
N ILE A 126 27.53 23.98 -2.08
CA ILE A 126 27.18 22.87 -1.22
C ILE A 126 26.03 23.25 -0.32
N ALA A 127 26.23 24.31 0.46
CA ALA A 127 25.21 24.79 1.39
C ALA A 127 23.83 24.81 0.73
N THR A 128 23.74 25.50 -0.40
CA THR A 128 22.47 25.61 -1.11
C THR A 128 21.90 24.25 -1.46
N LEU A 129 22.72 23.36 -2.02
CA LEU A 129 22.27 22.02 -2.36
C LEU A 129 21.85 21.24 -1.11
N GLU A 130 22.51 21.52 0.01
CA GLU A 130 22.17 20.83 1.23
C GLU A 130 20.79 21.27 1.72
N ILE A 131 20.44 22.54 1.52
CA ILE A 131 19.14 23.00 1.94
C ILE A 131 18.03 22.25 1.19
N PHE A 132 18.06 22.28 -0.14
CA PHE A 132 17.08 21.55 -0.91
C PHE A 132 16.90 20.14 -0.35
N VAL A 133 18.02 19.51 -0.01
CA VAL A 133 17.96 18.18 0.58
C VAL A 133 17.22 18.20 1.90
N GLY A 134 17.68 19.07 2.81
CA GLY A 134 17.12 19.17 4.15
C GLY A 134 15.60 19.24 4.19
N MET A 135 15.03 20.22 3.49
CA MET A 135 13.59 20.37 3.47
C MET A 135 12.93 19.10 2.96
N SER A 136 13.42 18.60 1.84
CA SER A 136 12.95 17.34 1.30
C SER A 136 13.08 16.28 2.38
N GLY A 137 14.15 16.38 3.17
CA GLY A 137 14.33 15.51 4.31
C GLY A 137 13.12 15.63 5.20
N ILE A 138 12.91 16.81 5.76
CA ILE A 138 11.78 17.04 6.65
C ILE A 138 10.49 16.56 6.01
N ALA A 139 10.22 17.03 4.79
CA ALA A 139 8.98 16.68 4.08
C ALA A 139 8.71 15.17 4.05
N LEU A 140 9.71 14.39 3.64
CA LEU A 140 9.58 12.93 3.58
C LEU A 140 9.31 12.33 4.96
N SER A 141 10.06 12.78 5.96
CA SER A 141 9.87 12.27 7.31
C SER A 141 8.45 12.54 7.76
N THR A 142 8.03 13.80 7.66
CA THR A 142 6.67 14.17 8.02
C THR A 142 5.68 13.32 7.27
N GLY A 143 5.93 13.15 5.96
CA GLY A 143 5.10 12.29 5.14
C GLY A 143 4.97 10.90 5.73
N LEU A 144 6.10 10.32 6.12
CA LEU A 144 6.09 9.04 6.81
C LEU A 144 5.35 9.15 8.13
N VAL A 145 5.68 10.18 8.90
CA VAL A 145 5.09 10.36 10.22
C VAL A 145 3.58 10.29 10.15
N PHE A 146 2.98 11.02 9.22
CA PHE A 146 1.53 10.93 9.09
C PHE A 146 1.13 9.59 8.48
N ALA A 147 1.86 9.17 7.46
CA ALA A 147 1.59 7.90 6.80
C ALA A 147 1.46 6.78 7.83
N ARG A 148 2.09 6.96 8.98
CA ARG A 148 2.02 5.99 10.05
C ARG A 148 0.76 6.20 10.86
N PHE A 149 0.42 7.46 11.10
CA PHE A 149 -0.78 7.78 11.84
C PHE A 149 -1.94 7.15 11.10
N ALA A 150 -1.91 7.25 9.78
CA ALA A 150 -2.99 6.78 8.92
C ALA A 150 -3.29 5.29 9.10
N ARG A 151 -2.27 4.51 9.47
CA ARG A 151 -2.44 3.08 9.66
C ARG A 151 -3.71 2.88 10.47
N PRO A 152 -4.57 1.95 10.02
CA PRO A 152 -5.82 1.72 10.75
C PRO A 152 -5.48 1.34 12.17
N ARG A 153 -6.36 1.64 13.12
CA ARG A 153 -6.05 1.45 14.53
C ARG A 153 -6.81 0.28 15.14
N ALA A 154 -8.12 0.28 15.03
CA ALA A 154 -8.94 -0.74 15.65
C ALA A 154 -8.58 -2.15 15.20
N LYS A 155 -8.10 -2.97 16.13
CA LYS A 155 -7.76 -4.36 15.86
C LYS A 155 -8.78 -5.31 16.50
N ILE A 156 -8.96 -6.48 15.89
CA ILE A 156 -10.02 -7.41 16.30
C ILE A 156 -9.44 -8.78 16.65
N MET A 157 -9.51 -9.16 17.93
CA MET A 157 -8.95 -10.43 18.38
C MET A 157 -9.92 -11.61 18.19
N PHE A 158 -9.40 -12.77 17.80
CA PHE A 158 -10.23 -13.96 17.66
C PHE A 158 -9.85 -15.00 18.69
N ALA A 159 -10.80 -15.86 19.03
CA ALA A 159 -10.54 -16.92 20.00
C ALA A 159 -9.59 -17.94 19.39
N ARG A 160 -8.40 -18.08 19.98
CA ARG A 160 -7.41 -19.03 19.48
C ARG A 160 -8.03 -20.41 19.22
N HIS A 161 -9.17 -20.68 19.84
CA HIS A 161 -9.85 -21.96 19.67
C HIS A 161 -11.31 -21.80 19.25
N ALA A 162 -11.74 -22.64 18.32
CA ALA A 162 -13.12 -22.67 17.85
C ALA A 162 -13.83 -23.90 18.42
N ILE A 163 -15.16 -23.90 18.41
CA ILE A 163 -15.92 -25.00 19.01
C ILE A 163 -17.08 -25.50 18.17
N VAL A 164 -17.38 -26.79 18.28
CA VAL A 164 -18.59 -27.36 17.71
C VAL A 164 -19.44 -27.98 18.82
N ARG A 165 -20.64 -27.44 19.02
CA ARG A 165 -21.46 -27.86 20.14
C ARG A 165 -22.96 -27.87 19.81
N PRO A 166 -23.71 -28.79 20.45
CA PRO A 166 -25.15 -28.89 20.32
C PRO A 166 -25.84 -27.64 20.82
N PHE A 167 -26.45 -26.90 19.89
CA PHE A 167 -27.12 -25.66 20.22
C PHE A 167 -28.54 -25.64 19.67
N ASN A 168 -29.50 -25.54 20.57
CA ASN A 168 -30.92 -25.45 20.22
C ASN A 168 -31.37 -26.67 19.42
N GLY A 169 -30.74 -27.81 19.68
CA GLY A 169 -31.13 -29.05 19.05
C GLY A 169 -30.11 -29.58 18.07
N ARG A 170 -29.62 -28.72 17.19
CA ARG A 170 -28.71 -29.15 16.13
C ARG A 170 -27.23 -28.90 16.44
N MET A 171 -26.36 -29.65 15.78
CA MET A 171 -24.92 -29.51 15.94
C MET A 171 -24.41 -28.27 15.22
N THR A 172 -24.10 -27.23 15.96
CA THR A 172 -23.59 -26.01 15.33
C THR A 172 -22.13 -25.78 15.68
N LEU A 173 -21.52 -24.84 14.96
CA LEU A 173 -20.12 -24.48 15.14
C LEU A 173 -20.07 -23.01 15.51
N MET A 174 -19.17 -22.64 16.42
CA MET A 174 -19.07 -21.27 16.87
C MET A 174 -17.62 -20.79 16.96
N VAL A 175 -17.40 -19.49 16.71
CA VAL A 175 -16.14 -18.83 17.01
C VAL A 175 -16.45 -17.40 17.42
N ARG A 176 -15.78 -16.90 18.45
CA ARG A 176 -16.08 -15.55 18.88
C ARG A 176 -14.88 -14.64 18.75
N ALA A 177 -15.16 -13.37 18.50
CA ALA A 177 -14.12 -12.36 18.36
C ALA A 177 -14.64 -11.13 19.04
N ALA A 178 -13.76 -10.17 19.31
CA ALA A 178 -14.20 -8.93 19.94
C ALA A 178 -13.27 -7.76 19.66
N ASN A 179 -13.85 -6.58 19.60
CA ASN A 179 -13.09 -5.38 19.36
C ASN A 179 -11.96 -5.31 20.36
N ALA A 180 -10.74 -5.05 19.92
CA ALA A 180 -9.59 -5.18 20.82
C ALA A 180 -8.84 -3.90 21.18
N ARG A 181 -8.84 -2.90 20.31
CA ARG A 181 -8.13 -1.66 20.64
C ARG A 181 -9.06 -0.61 21.27
N GLN A 182 -8.53 0.59 21.48
CA GLN A 182 -9.31 1.70 22.04
C GLN A 182 -10.32 2.16 21.00
N ASN A 183 -9.91 2.10 19.74
CA ASN A 183 -10.78 2.49 18.64
C ASN A 183 -11.87 1.45 18.41
N VAL A 184 -13.10 1.94 18.30
CA VAL A 184 -14.25 1.06 18.24
C VAL A 184 -14.61 0.65 16.82
N ILE A 185 -15.08 -0.58 16.69
CA ILE A 185 -15.82 -1.04 15.53
C ILE A 185 -17.16 -1.52 16.03
N ALA A 186 -18.24 -0.85 15.65
CA ALA A 186 -19.55 -1.39 15.88
C ALA A 186 -20.13 -1.59 14.51
N GLU A 187 -21.20 -2.35 14.41
CA GLU A 187 -21.84 -2.54 13.12
C GLU A 187 -20.82 -3.16 12.18
N ALA A 188 -20.43 -4.39 12.52
CA ALA A 188 -19.45 -5.19 11.77
C ALA A 188 -20.10 -6.42 11.14
N ARG A 189 -19.71 -6.73 9.90
CA ARG A 189 -20.23 -7.90 9.17
C ARG A 189 -19.14 -8.91 8.92
N ALA A 190 -19.49 -10.19 8.80
CA ALA A 190 -18.46 -11.23 8.75
C ALA A 190 -18.72 -12.33 7.71
N LYS A 191 -17.67 -12.93 7.18
CA LYS A 191 -17.81 -14.02 6.23
C LYS A 191 -17.01 -15.21 6.72
N MET A 192 -17.59 -16.41 6.66
CA MET A 192 -16.91 -17.58 7.16
C MET A 192 -16.73 -18.63 6.09
N ARG A 193 -15.51 -19.15 5.98
CA ARG A 193 -15.17 -20.05 4.89
C ARG A 193 -14.57 -21.36 5.36
N LEU A 194 -14.53 -22.33 4.45
CA LEU A 194 -13.89 -23.62 4.71
C LEU A 194 -12.98 -24.03 3.58
N MET A 195 -11.76 -24.45 3.91
CA MET A 195 -10.81 -24.90 2.91
C MET A 195 -10.43 -26.34 3.15
N ARG A 196 -10.65 -27.18 2.14
CA ARG A 196 -10.32 -28.59 2.25
C ARG A 196 -9.74 -29.04 0.91
N ARG A 197 -9.14 -30.22 0.91
CA ARG A 197 -8.63 -30.81 -0.32
C ARG A 197 -9.73 -31.65 -0.97
N ARG A 198 -9.88 -31.49 -2.28
CA ARG A 198 -10.89 -32.23 -3.03
C ARG A 198 -10.34 -32.80 -4.32
N GLU A 199 -11.24 -33.31 -5.17
CA GLU A 199 -10.85 -34.03 -6.37
C GLU A 199 -11.71 -33.61 -7.58
N LEU A 206 -7.17 -30.30 -5.42
CA LEU A 206 -7.35 -28.87 -5.28
C LEU A 206 -8.01 -28.50 -3.96
N MET A 207 -7.71 -27.29 -3.46
CA MET A 207 -8.28 -26.81 -2.21
C MET A 207 -9.58 -26.06 -2.44
N LYS A 208 -10.69 -26.80 -2.43
CA LYS A 208 -12.01 -26.21 -2.63
C LYS A 208 -12.34 -25.30 -1.46
N LEU A 209 -12.86 -24.11 -1.77
CA LEU A 209 -13.21 -23.11 -0.77
C LEU A 209 -14.72 -23.00 -0.66
N HIS A 210 -15.26 -23.38 0.49
CA HIS A 210 -16.70 -23.40 0.63
C HIS A 210 -17.15 -22.29 1.55
N ASP A 211 -18.34 -21.77 1.26
CA ASP A 211 -18.90 -20.70 2.07
C ASP A 211 -19.84 -21.30 3.09
N LEU A 212 -19.50 -21.11 4.37
CA LEU A 212 -20.33 -21.61 5.44
C LEU A 212 -21.36 -20.57 5.86
N LYS A 213 -22.64 -20.89 5.67
CA LYS A 213 -23.73 -19.96 5.97
C LYS A 213 -23.80 -19.62 7.46
N LEU A 214 -23.48 -18.37 7.79
CA LEU A 214 -23.55 -17.91 9.18
C LEU A 214 -24.98 -17.67 9.62
N VAL A 215 -25.29 -18.05 10.84
CA VAL A 215 -26.61 -17.81 11.41
C VAL A 215 -26.91 -16.32 11.40
N ARG A 216 -25.88 -15.51 11.58
CA ARG A 216 -26.01 -14.07 11.48
C ARG A 216 -24.79 -13.48 10.76
N ASN A 217 -25.03 -12.66 9.74
CA ASN A 217 -23.97 -12.14 8.88
C ASN A 217 -23.42 -10.83 9.37
N GLU A 218 -24.27 -10.03 10.01
CA GLU A 218 -23.87 -8.72 10.48
C GLU A 218 -24.18 -8.56 11.97
N HIS A 219 -23.41 -7.73 12.66
CA HIS A 219 -23.65 -7.51 14.07
C HIS A 219 -23.66 -6.03 14.38
N PRO A 220 -24.84 -5.52 14.80
CA PRO A 220 -25.19 -4.12 15.14
C PRO A 220 -24.29 -3.49 16.20
N ILE A 221 -24.37 -4.02 17.43
CA ILE A 221 -23.59 -3.47 18.53
C ILE A 221 -22.41 -4.39 18.87
N PHE A 222 -21.36 -4.28 18.07
CA PHE A 222 -20.22 -5.15 18.17
C PHE A 222 -19.30 -4.66 19.27
N LEU A 223 -19.65 -3.51 19.85
CA LEU A 223 -18.81 -2.85 20.85
C LEU A 223 -18.42 -3.74 22.04
N LEU A 224 -19.15 -4.83 22.25
CA LEU A 224 -18.73 -5.77 23.28
C LEU A 224 -18.01 -6.97 22.69
N GLY A 225 -18.77 -7.97 22.28
CA GLY A 225 -18.20 -9.14 21.66
C GLY A 225 -19.16 -9.75 20.68
N TRP A 226 -18.69 -10.72 19.91
CA TRP A 226 -19.55 -11.40 18.95
C TRP A 226 -19.30 -12.89 18.92
N ASN A 227 -20.38 -13.65 19.03
CA ASN A 227 -20.32 -15.10 18.99
C ASN A 227 -20.86 -15.61 17.64
N MET A 228 -19.98 -15.78 16.67
CA MET A 228 -20.38 -16.17 15.32
C MET A 228 -20.63 -17.65 15.25
N MET A 229 -21.72 -18.06 14.59
CA MET A 229 -22.07 -19.48 14.55
C MET A 229 -22.76 -19.99 13.28
N HIS A 230 -22.40 -21.22 12.91
CA HIS A 230 -22.85 -21.84 11.66
C HIS A 230 -23.41 -23.22 11.93
N VAL A 231 -24.69 -23.41 11.61
CA VAL A 231 -25.36 -24.68 11.89
C VAL A 231 -24.90 -25.76 10.92
N ILE A 232 -24.54 -26.92 11.47
CA ILE A 232 -24.04 -28.01 10.63
C ILE A 232 -25.14 -29.00 10.24
N ASP A 233 -26.17 -28.49 9.58
CA ASP A 233 -27.26 -29.33 9.12
C ASP A 233 -26.99 -29.88 7.72
N GLU A 234 -28.04 -30.36 7.05
CA GLU A 234 -27.91 -31.03 5.76
C GLU A 234 -27.16 -30.20 4.73
N SER A 235 -27.47 -28.90 4.67
CA SER A 235 -26.89 -28.01 3.67
C SER A 235 -25.42 -27.69 3.94
N SER A 236 -25.02 -27.70 5.21
CA SER A 236 -23.65 -27.38 5.58
C SER A 236 -22.64 -28.30 4.92
N PRO A 237 -21.60 -27.71 4.33
CA PRO A 237 -20.52 -28.49 3.71
C PRO A 237 -19.77 -29.30 4.77
N LEU A 238 -20.05 -29.02 6.04
CA LEU A 238 -19.39 -29.73 7.13
C LEU A 238 -20.20 -30.92 7.63
N PHE A 239 -21.44 -31.02 7.15
CA PHE A 239 -22.33 -32.10 7.57
C PHE A 239 -21.68 -33.45 7.35
N GLY A 240 -21.78 -34.29 8.38
CA GLY A 240 -21.14 -35.60 8.32
C GLY A 240 -19.65 -35.47 8.11
N GLU A 241 -18.96 -34.97 9.13
CA GLU A 241 -17.51 -34.89 9.07
C GLU A 241 -16.90 -34.96 10.47
N THR A 242 -16.48 -36.16 10.86
CA THR A 242 -15.85 -36.38 12.15
C THR A 242 -14.51 -35.64 12.21
N PRO A 243 -14.04 -35.32 13.42
CA PRO A 243 -12.77 -34.62 13.59
C PRO A 243 -11.68 -35.28 12.76
N GLU A 244 -11.77 -36.60 12.62
CA GLU A 244 -10.83 -37.36 11.81
C GLU A 244 -11.06 -37.08 10.33
N SER A 245 -12.33 -36.95 9.97
CA SER A 245 -12.72 -36.66 8.58
C SER A 245 -12.16 -35.33 8.10
N LEU A 246 -11.92 -34.41 9.03
CA LEU A 246 -11.34 -33.13 8.68
C LEU A 246 -9.88 -33.29 8.30
N ALA A 247 -9.08 -33.72 9.28
CA ALA A 247 -7.65 -33.94 9.07
C ALA A 247 -7.38 -34.63 7.74
N GLU A 248 -8.12 -35.68 7.46
CA GLU A 248 -7.95 -36.47 6.24
C GLU A 248 -7.86 -35.59 5.00
N GLY A 249 -8.56 -34.46 5.03
CA GLY A 249 -8.57 -33.53 3.92
C GLY A 249 -7.90 -32.20 4.22
N ARG A 250 -7.16 -32.15 5.33
CA ARG A 250 -6.44 -30.94 5.74
C ARG A 250 -7.36 -29.71 5.83
N ALA A 251 -8.51 -29.91 6.47
CA ALA A 251 -9.51 -28.84 6.59
C ALA A 251 -8.96 -27.60 7.27
N MET A 252 -9.55 -26.45 6.93
CA MET A 252 -9.15 -25.20 7.54
C MET A 252 -10.32 -24.22 7.58
N LEU A 253 -10.50 -23.56 8.72
CA LEU A 253 -11.60 -22.63 8.89
C LEU A 253 -11.08 -21.19 8.79
N LEU A 254 -11.67 -20.41 7.90
CA LEU A 254 -11.25 -19.03 7.68
C LEU A 254 -12.37 -18.04 7.92
N VAL A 255 -12.25 -17.24 8.97
CA VAL A 255 -13.24 -16.22 9.21
C VAL A 255 -12.66 -14.85 8.87
N MET A 256 -13.55 -13.87 8.69
CA MET A 256 -13.12 -12.54 8.32
C MET A 256 -14.18 -11.52 8.64
N ILE A 257 -13.81 -10.51 9.42
CA ILE A 257 -14.74 -9.50 9.88
C ILE A 257 -14.30 -8.16 9.35
N GLU A 258 -15.24 -7.45 8.75
CA GLU A 258 -15.01 -6.14 8.21
C GLU A 258 -15.94 -5.18 8.94
N GLY A 259 -15.54 -3.92 9.06
CA GLY A 259 -16.36 -2.93 9.75
C GLY A 259 -15.65 -1.60 9.73
N SER A 260 -16.37 -0.52 10.01
CA SER A 260 -15.71 0.78 9.97
C SER A 260 -15.41 1.38 11.33
N ASP A 261 -14.21 1.94 11.45
CA ASP A 261 -13.78 2.75 12.58
C ASP A 261 -14.58 4.04 12.53
N GLU A 262 -15.55 4.14 13.43
CA GLU A 262 -16.49 5.26 13.44
C GLU A 262 -15.78 6.62 13.60
N THR A 263 -14.48 6.58 13.89
CA THR A 263 -13.71 7.78 14.23
C THR A 263 -12.91 8.34 13.07
N THR A 264 -12.59 7.49 12.10
CA THR A 264 -11.80 7.91 10.94
C THR A 264 -12.50 7.56 9.63
N ALA A 265 -13.56 6.77 9.73
CA ALA A 265 -14.31 6.33 8.56
C ALA A 265 -13.57 5.24 7.79
N GLN A 266 -12.38 4.90 8.26
CA GLN A 266 -11.54 3.89 7.63
C GLN A 266 -12.16 2.51 7.77
N VAL A 267 -12.46 1.84 6.67
CA VAL A 267 -13.10 0.53 6.77
C VAL A 267 -12.08 -0.59 7.06
N MET A 268 -11.94 -0.96 8.33
CA MET A 268 -10.92 -1.91 8.77
C MET A 268 -11.38 -3.37 8.69
N GLN A 269 -10.57 -4.23 8.09
CA GLN A 269 -10.90 -5.64 8.04
C GLN A 269 -9.87 -6.46 8.81
N ALA A 270 -10.29 -7.62 9.32
CA ALA A 270 -9.40 -8.49 10.05
C ALA A 270 -9.73 -9.95 9.73
N ARG A 271 -8.76 -10.83 9.85
CA ARG A 271 -8.96 -12.21 9.43
C ARG A 271 -8.31 -13.21 10.38
N HIS A 272 -8.87 -14.40 10.45
CA HIS A 272 -8.33 -15.44 11.31
C HIS A 272 -8.52 -16.83 10.69
N ALA A 273 -7.58 -17.72 10.98
CA ALA A 273 -7.61 -19.08 10.48
C ALA A 273 -7.46 -20.11 11.60
N TRP A 274 -8.29 -21.14 11.56
CA TRP A 274 -8.18 -22.25 12.50
C TRP A 274 -7.80 -23.53 11.78
N GLU A 275 -6.87 -24.29 12.36
CA GLU A 275 -6.58 -25.64 11.88
C GLU A 275 -7.59 -26.59 12.54
N HIS A 276 -7.80 -27.75 11.93
CA HIS A 276 -8.76 -28.72 12.45
C HIS A 276 -8.52 -29.13 13.90
N ASP A 277 -7.25 -29.20 14.30
CA ASP A 277 -6.89 -29.52 15.68
C ASP A 277 -7.06 -28.33 16.63
N ASP A 278 -7.60 -27.23 16.08
CA ASP A 278 -7.88 -26.03 16.86
C ASP A 278 -9.36 -25.87 17.12
N ILE A 279 -10.16 -26.72 16.49
CA ILE A 279 -11.57 -26.86 16.82
C ILE A 279 -11.75 -27.87 17.96
N ARG A 280 -12.39 -27.42 19.04
CA ARG A 280 -12.68 -28.33 20.14
C ARG A 280 -14.13 -28.79 20.03
N TRP A 281 -14.34 -30.10 20.13
CA TRP A 281 -15.65 -30.71 19.94
C TRP A 281 -16.47 -30.82 21.21
N HIS A 282 -17.74 -30.44 21.11
CA HIS A 282 -18.66 -30.48 22.23
C HIS A 282 -18.18 -29.61 23.38
N HIS A 283 -17.56 -28.48 23.04
CA HIS A 283 -17.11 -27.51 24.04
C HIS A 283 -17.99 -26.27 24.04
N ARG A 284 -17.71 -25.36 24.96
CA ARG A 284 -18.43 -24.09 25.02
C ARG A 284 -17.49 -22.96 25.45
N TYR A 285 -17.83 -21.73 25.09
CA TYR A 285 -16.99 -20.60 25.49
C TYR A 285 -17.33 -20.16 26.92
N VAL A 286 -16.31 -20.15 27.77
CA VAL A 286 -16.44 -19.62 29.13
C VAL A 286 -17.01 -18.20 29.11
N ASP A 287 -18.18 -18.01 29.70
CA ASP A 287 -18.83 -16.69 29.70
C ASP A 287 -17.94 -15.64 30.37
N LEU A 288 -17.42 -14.69 29.62
CA LEU A 288 -16.55 -13.68 30.19
C LEU A 288 -17.25 -12.87 31.28
N MET A 289 -18.57 -12.77 31.18
CA MET A 289 -19.36 -11.93 32.07
C MET A 289 -20.43 -12.73 32.80
N THR A 296 -21.41 -4.55 36.12
CA THR A 296 -21.26 -5.72 35.25
C THR A 296 -19.84 -5.80 34.70
N HIS A 297 -19.09 -6.84 35.08
CA HIS A 297 -17.69 -6.94 34.63
C HIS A 297 -17.44 -8.08 33.65
N ILE A 298 -16.57 -7.81 32.66
CA ILE A 298 -16.14 -8.82 31.67
C ILE A 298 -14.64 -9.06 31.74
N ASP A 299 -14.23 -10.32 31.92
CA ASP A 299 -12.82 -10.65 32.05
C ASP A 299 -12.25 -11.17 30.74
N TYR A 300 -11.80 -10.24 29.89
CA TYR A 300 -11.23 -10.60 28.58
C TYR A 300 -10.00 -11.49 28.67
N THR A 301 -9.52 -11.70 29.90
CA THR A 301 -8.41 -12.60 30.12
C THR A 301 -8.80 -14.04 29.80
N ARG A 302 -10.06 -14.39 30.08
CA ARG A 302 -10.49 -15.75 29.80
C ARG A 302 -11.20 -15.82 28.46
N PHE A 303 -10.66 -15.12 27.46
CA PHE A 303 -11.34 -14.96 26.16
C PHE A 303 -11.37 -16.22 25.29
N ASN A 304 -10.23 -16.86 25.12
CA ASN A 304 -10.16 -18.08 24.33
C ASN A 304 -10.14 -19.37 25.16
N ASP A 305 -10.97 -19.40 26.20
CA ASP A 305 -11.06 -20.55 27.09
C ASP A 305 -12.39 -21.29 26.94
N THR A 306 -12.35 -22.62 26.93
CA THR A 306 -13.55 -23.42 26.73
C THR A 306 -13.76 -24.54 27.76
N GLU A 307 -14.97 -25.09 27.77
CA GLU A 307 -15.34 -26.17 28.67
C GLU A 307 -16.34 -27.09 28.02
N PRO A 308 -16.02 -28.39 27.95
CA PRO A 308 -16.92 -29.42 27.39
C PRO A 308 -18.31 -29.36 28.02
N VAL A 309 -19.33 -29.72 27.26
CA VAL A 309 -20.70 -29.64 27.76
C VAL A 309 -21.10 -30.88 28.56
N MET B 1 2.18 -16.43 4.73
CA MET B 1 3.39 -16.48 3.91
C MET B 1 4.29 -15.28 4.15
N ASN B 2 5.58 -15.54 4.25
CA ASN B 2 6.54 -14.53 4.72
C ASN B 2 7.26 -13.73 3.65
N VAL B 3 8.23 -14.37 3.00
CA VAL B 3 9.11 -13.72 2.01
C VAL B 3 10.30 -14.62 1.69
N VAL B 38 -7.95 7.13 -30.05
CA VAL B 38 -9.08 8.03 -29.81
C VAL B 38 -8.64 9.49 -29.60
N ILE B 39 -9.42 10.43 -30.15
CA ILE B 39 -9.15 11.85 -29.97
C ILE B 39 -10.36 12.60 -29.44
N ALA B 40 -10.31 12.97 -28.17
CA ALA B 40 -11.37 13.76 -27.56
C ALA B 40 -11.41 15.13 -28.19
N TYR B 41 -12.60 15.72 -28.27
CA TYR B 41 -12.77 17.03 -28.84
C TYR B 41 -13.87 17.76 -28.08
N GLY B 42 -13.47 18.73 -27.27
CA GLY B 42 -14.45 19.54 -26.59
C GLY B 42 -14.48 19.41 -25.10
N MET B 43 -13.90 18.34 -24.57
CA MET B 43 -13.79 18.22 -23.12
C MET B 43 -12.58 19.02 -22.64
N PRO B 44 -12.83 20.01 -21.77
CA PRO B 44 -11.83 20.98 -21.34
C PRO B 44 -10.77 20.36 -20.45
N ALA B 45 -9.52 20.49 -20.83
CA ALA B 45 -8.40 20.03 -20.02
C ALA B 45 -7.61 21.26 -19.59
N SER B 46 -6.95 21.17 -18.45
CA SER B 46 -6.16 22.30 -17.96
C SER B 46 -4.72 21.89 -17.76
N VAL B 47 -3.79 22.60 -18.37
CA VAL B 47 -2.37 22.32 -18.17
C VAL B 47 -2.09 22.03 -16.69
N TRP B 48 -2.80 22.74 -15.81
CA TRP B 48 -2.63 22.54 -14.36
C TRP B 48 -2.80 21.07 -13.98
N ARG B 49 -4.01 20.56 -14.15
CA ARG B 49 -4.32 19.19 -13.78
C ARG B 49 -3.34 18.18 -14.39
N ASP B 50 -2.92 18.42 -15.63
CA ASP B 50 -2.02 17.52 -16.33
C ASP B 50 -0.69 17.47 -15.61
N LEU B 51 -0.28 18.61 -15.07
CA LEU B 51 0.97 18.70 -14.36
C LEU B 51 0.93 17.85 -13.09
N TYR B 52 -0.16 17.98 -12.35
CA TYR B 52 -0.36 17.19 -11.15
C TYR B 52 -0.30 15.71 -11.46
N TYR B 53 -0.97 15.31 -12.53
CA TYR B 53 -0.98 13.91 -12.95
C TYR B 53 0.44 13.35 -13.05
N TRP B 54 1.32 14.11 -13.68
CA TRP B 54 2.71 13.68 -13.82
C TRP B 54 3.40 13.75 -12.46
N ALA B 55 3.01 14.72 -11.65
CA ALA B 55 3.59 14.84 -10.32
C ALA B 55 3.41 13.53 -9.54
N LEU B 56 2.41 12.74 -9.93
CA LEU B 56 2.16 11.48 -9.23
C LEU B 56 2.64 10.26 -10.02
N LYS B 57 2.56 10.32 -11.35
CA LYS B 57 2.97 9.19 -12.18
C LYS B 57 4.49 9.05 -12.21
N VAL B 58 5.19 10.17 -12.10
CA VAL B 58 6.65 10.21 -12.18
C VAL B 58 7.31 9.37 -11.08
N SER B 59 8.55 8.96 -11.31
CA SER B 59 9.31 8.19 -10.35
C SER B 59 9.98 9.09 -9.32
N TRP B 60 10.20 8.58 -8.11
CA TRP B 60 10.79 9.36 -7.02
C TRP B 60 12.02 10.20 -7.43
N PRO B 61 13.08 9.54 -7.91
CA PRO B 61 14.26 10.32 -8.27
C PRO B 61 13.83 11.49 -9.15
N VAL B 62 13.10 11.20 -10.21
CA VAL B 62 12.63 12.24 -11.12
C VAL B 62 11.75 13.28 -10.43
N PHE B 63 11.08 12.88 -9.37
CA PHE B 63 10.25 13.82 -8.63
C PHE B 63 11.11 14.96 -8.10
N PHE B 64 12.14 14.62 -7.34
CA PHE B 64 13.00 15.62 -6.71
C PHE B 64 13.82 16.40 -7.71
N ALA B 65 14.50 15.71 -8.61
CA ALA B 65 15.28 16.38 -9.64
C ALA B 65 14.40 17.46 -10.25
N SER B 66 13.14 17.11 -10.47
CA SER B 66 12.20 18.04 -11.05
C SER B 66 12.03 19.25 -10.14
N LEU B 67 11.86 19.00 -8.85
CA LEU B 67 11.81 20.09 -7.88
C LEU B 67 13.10 20.90 -7.89
N ALA B 68 14.23 20.22 -7.83
CA ALA B 68 15.51 20.90 -7.95
C ALA B 68 15.46 21.86 -9.13
N ALA B 69 15.35 21.33 -10.34
CA ALA B 69 15.28 22.17 -11.53
C ALA B 69 14.22 23.24 -11.37
N LEU B 70 13.27 23.01 -10.48
CA LEU B 70 12.24 24.00 -10.21
C LEU B 70 12.67 24.93 -9.10
N PHE B 71 13.53 24.43 -8.24
CA PHE B 71 14.09 25.18 -7.13
C PHE B 71 15.06 26.22 -7.66
N VAL B 72 16.01 25.76 -8.46
CA VAL B 72 16.97 26.66 -9.06
C VAL B 72 16.24 27.76 -9.79
N VAL B 73 15.37 27.35 -10.71
CA VAL B 73 14.60 28.32 -11.49
C VAL B 73 13.96 29.36 -10.59
N ASN B 74 13.43 28.93 -9.46
CA ASN B 74 12.73 29.85 -8.58
C ASN B 74 13.63 30.92 -7.97
N ASN B 75 14.89 30.56 -7.70
CA ASN B 75 15.84 31.50 -7.14
C ASN B 75 16.40 32.43 -8.20
N THR B 76 16.87 31.84 -9.29
CA THR B 76 17.30 32.61 -10.45
C THR B 76 16.36 33.77 -10.66
N LEU B 77 15.06 33.50 -10.55
CA LEU B 77 14.02 34.50 -10.78
C LEU B 77 14.01 35.61 -9.74
N PHE B 78 14.17 35.26 -8.47
CA PHE B 78 14.22 36.27 -7.42
C PHE B 78 15.57 36.99 -7.37
N ALA B 79 16.64 36.24 -7.61
CA ALA B 79 17.98 36.81 -7.63
C ALA B 79 18.01 37.96 -8.62
N LEU B 80 17.49 37.69 -9.81
CA LEU B 80 17.35 38.73 -10.82
C LEU B 80 16.48 39.85 -10.32
N LEU B 81 15.34 39.48 -9.73
CA LEU B 81 14.41 40.45 -9.17
C LEU B 81 15.12 41.36 -8.15
N TYR B 82 16.16 40.83 -7.52
CA TYR B 82 16.95 41.59 -6.56
C TYR B 82 17.88 42.61 -7.21
N GLN B 83 18.61 42.17 -8.24
CA GLN B 83 19.56 43.02 -8.93
C GLN B 83 18.93 44.29 -9.47
N LEU B 84 17.61 44.25 -9.68
CA LEU B 84 16.89 45.42 -10.18
C LEU B 84 17.19 46.66 -9.34
N GLY B 85 17.16 46.50 -8.03
CA GLY B 85 17.48 47.57 -7.13
C GLY B 85 18.88 47.41 -6.56
N ASP B 86 19.67 48.46 -6.65
CA ASP B 86 21.05 48.42 -6.15
C ASP B 86 21.07 48.43 -4.62
N ALA B 87 22.15 47.90 -4.06
CA ALA B 87 22.28 47.78 -2.61
C ALA B 87 21.15 46.93 -2.05
N PRO B 88 21.00 45.72 -2.58
CA PRO B 88 19.91 44.84 -2.17
C PRO B 88 20.13 44.21 -0.82
N ILE B 89 21.08 43.28 -0.75
CA ILE B 89 21.39 42.57 0.49
C ILE B 89 22.73 43.02 1.08
N ALA B 90 22.71 43.34 2.37
CA ALA B 90 23.92 43.75 3.09
C ALA B 90 24.92 42.61 3.14
N ASN B 91 26.17 42.92 2.81
CA ASN B 91 27.24 41.92 2.80
C ASN B 91 26.99 40.86 1.74
N GLN B 92 26.33 41.25 0.66
CA GLN B 92 25.97 40.33 -0.43
C GLN B 92 27.19 39.70 -1.08
N SER B 93 27.61 38.55 -0.57
CA SER B 93 28.83 37.88 -1.01
C SER B 93 28.52 36.49 -1.57
N PRO B 94 29.10 36.15 -2.73
CA PRO B 94 30.00 37.01 -3.52
C PRO B 94 29.27 38.18 -4.16
N PRO B 95 29.81 39.40 -4.00
CA PRO B 95 29.20 40.60 -4.56
C PRO B 95 28.86 40.41 -6.03
N GLY B 96 27.59 40.57 -6.37
CA GLY B 96 27.13 40.38 -7.73
C GLY B 96 25.90 39.50 -7.74
N PHE B 97 25.60 38.93 -8.90
CA PHE B 97 24.44 38.06 -9.04
C PHE B 97 24.53 36.81 -8.18
N VAL B 98 25.70 36.19 -8.15
CA VAL B 98 25.89 34.93 -7.41
C VAL B 98 25.59 35.11 -5.92
N GLY B 99 25.85 36.30 -5.40
CA GLY B 99 25.55 36.59 -4.01
C GLY B 99 24.05 36.71 -3.79
N ALA B 100 23.37 37.38 -4.71
CA ALA B 100 21.94 37.56 -4.63
C ALA B 100 21.23 36.23 -4.81
N PHE B 101 21.86 35.31 -5.53
CA PHE B 101 21.32 33.98 -5.68
C PHE B 101 21.44 33.25 -4.35
N PHE B 102 22.67 33.07 -3.87
CA PHE B 102 22.88 32.32 -2.62
C PHE B 102 22.18 32.95 -1.41
N PHE B 103 21.68 34.17 -1.57
CA PHE B 103 20.85 34.76 -0.54
C PHE B 103 19.42 34.32 -0.72
N SER B 104 18.98 34.26 -1.99
CA SER B 104 17.66 33.76 -2.32
C SER B 104 17.42 32.43 -1.61
N VAL B 105 18.27 31.44 -1.90
CA VAL B 105 18.14 30.13 -1.26
C VAL B 105 18.07 30.26 0.24
N GLU B 106 18.62 31.34 0.77
CA GLU B 106 18.59 31.57 2.22
C GLU B 106 17.19 32.00 2.63
N THR B 107 16.64 32.99 1.91
CA THR B 107 15.35 33.56 2.28
C THR B 107 14.15 32.68 1.90
N LEU B 108 14.34 31.80 0.92
CA LEU B 108 13.23 31.01 0.41
C LEU B 108 12.93 29.79 1.28
N ALA B 109 13.95 29.27 1.94
CA ALA B 109 13.80 28.05 2.72
C ALA B 109 13.55 28.35 4.19
N THR B 110 13.38 29.63 4.51
CA THR B 110 13.19 30.06 5.89
C THR B 110 14.35 29.61 6.78
N VAL B 111 15.53 29.50 6.20
CA VAL B 111 16.72 29.20 6.99
C VAL B 111 17.31 30.49 7.52
N GLY B 112 17.37 31.50 6.65
CA GLY B 112 17.79 32.83 7.03
C GLY B 112 19.03 32.94 7.90
N TYR B 113 20.19 32.67 7.31
CA TYR B 113 21.44 32.79 8.06
C TYR B 113 21.56 34.11 8.77
N GLY B 114 21.34 35.20 8.05
CA GLY B 114 21.42 36.53 8.63
C GLY B 114 22.69 37.26 8.25
N ASP B 115 23.63 36.55 7.65
CA ASP B 115 24.83 37.18 7.13
C ASP B 115 24.38 38.27 6.15
N MET B 116 23.46 37.92 5.26
CA MET B 116 22.81 38.92 4.42
C MET B 116 21.60 39.49 5.15
N HIS B 117 21.16 40.67 4.71
CA HIS B 117 20.04 41.34 5.35
C HIS B 117 19.51 42.39 4.40
N PRO B 118 18.18 42.44 4.23
CA PRO B 118 17.57 43.44 3.36
C PRO B 118 17.91 44.86 3.84
N GLN B 119 18.63 45.61 3.02
CA GLN B 119 18.93 47.00 3.35
C GLN B 119 17.78 47.89 2.93
N THR B 120 17.72 48.18 1.63
CA THR B 120 16.68 49.04 1.08
C THR B 120 15.30 48.49 1.37
N VAL B 121 14.29 49.36 1.34
CA VAL B 121 12.91 48.94 1.55
C VAL B 121 12.54 47.90 0.50
N TYR B 122 12.80 48.22 -0.75
CA TYR B 122 12.54 47.31 -1.86
C TYR B 122 13.15 45.93 -1.61
N ALA B 123 14.36 45.92 -1.05
CA ALA B 123 14.99 44.66 -0.68
C ALA B 123 14.02 43.84 0.16
N HIS B 124 13.49 44.46 1.22
CA HIS B 124 12.50 43.82 2.07
C HIS B 124 11.25 43.40 1.30
N ALA B 125 10.65 44.34 0.57
CA ALA B 125 9.46 44.06 -0.22
C ALA B 125 9.62 42.76 -0.98
N ILE B 126 10.71 42.63 -1.72
CA ILE B 126 10.98 41.39 -2.41
C ILE B 126 11.14 40.26 -1.41
N ALA B 127 12.10 40.42 -0.51
CA ALA B 127 12.37 39.40 0.50
C ALA B 127 11.08 38.87 1.12
N THR B 128 10.27 39.78 1.66
CA THR B 128 9.01 39.39 2.28
C THR B 128 8.11 38.58 1.32
N LEU B 129 7.93 39.07 0.10
CA LEU B 129 7.12 38.35 -0.89
C LEU B 129 7.73 37.01 -1.21
N GLU B 130 9.05 36.93 -1.16
CA GLU B 130 9.70 35.67 -1.45
C GLU B 130 9.44 34.65 -0.36
N ILE B 131 9.33 35.10 0.89
CA ILE B 131 9.03 34.17 1.97
C ILE B 131 7.65 33.53 1.77
N PHE B 132 6.61 34.35 1.65
CA PHE B 132 5.27 33.80 1.42
C PHE B 132 5.33 32.74 0.32
N VAL B 133 6.11 33.00 -0.72
CA VAL B 133 6.26 32.02 -1.78
C VAL B 133 6.92 30.76 -1.25
N GLY B 134 8.09 30.93 -0.63
CA GLY B 134 8.87 29.81 -0.12
C GLY B 134 8.08 28.81 0.67
N MET B 135 7.39 29.27 1.70
CA MET B 135 6.60 28.38 2.54
C MET B 135 5.54 27.66 1.71
N SER B 136 4.80 28.43 0.93
CA SER B 136 3.84 27.86 0.00
C SER B 136 4.57 26.84 -0.87
N GLY B 137 5.81 27.15 -1.23
CA GLY B 137 6.65 26.20 -1.93
C GLY B 137 6.72 24.91 -1.14
N ILE B 138 7.30 24.98 0.05
CA ILE B 138 7.41 23.80 0.88
C ILE B 138 6.06 23.09 1.02
N ALA B 139 5.05 23.83 1.43
CA ALA B 139 3.71 23.27 1.65
C ALA B 139 3.21 22.43 0.47
N LEU B 140 3.29 22.98 -0.74
CA LEU B 140 2.85 22.27 -1.94
C LEU B 140 3.68 21.01 -2.18
N SER B 141 5.00 21.12 -2.04
CA SER B 141 5.87 19.97 -2.25
C SER B 141 5.50 18.86 -1.28
N THR B 142 5.46 19.20 0.00
CA THR B 142 5.06 18.26 1.03
C THR B 142 3.70 17.65 0.69
N GLY B 143 2.76 18.50 0.29
CA GLY B 143 1.45 18.04 -0.16
C GLY B 143 1.58 16.98 -1.24
N LEU B 144 2.39 17.26 -2.24
CA LEU B 144 2.66 16.29 -3.28
C LEU B 144 3.32 15.06 -2.67
N VAL B 145 4.36 15.28 -1.87
CA VAL B 145 5.12 14.18 -1.28
C VAL B 145 4.21 13.18 -0.60
N PHE B 146 3.28 13.65 0.23
CA PHE B 146 2.35 12.72 0.83
C PHE B 146 1.35 12.20 -0.20
N ALA B 147 0.86 13.10 -1.05
CA ALA B 147 -0.08 12.74 -2.10
C ALA B 147 0.42 11.54 -2.89
N ARG B 148 1.74 11.37 -2.91
CA ARG B 148 2.34 10.25 -3.60
C ARG B 148 2.34 9.02 -2.71
N PHE B 149 2.64 9.24 -1.43
CA PHE B 149 2.61 8.13 -0.50
C PHE B 149 1.22 7.49 -0.57
N ALA B 150 0.19 8.36 -0.63
CA ALA B 150 -1.21 7.92 -0.61
C ALA B 150 -1.56 6.95 -1.73
N ARG B 151 -0.84 7.05 -2.85
CA ARG B 151 -1.08 6.17 -3.98
C ARG B 151 -1.19 4.74 -3.47
N PRO B 152 -2.22 4.03 -3.92
CA PRO B 152 -2.39 2.65 -3.44
C PRO B 152 -1.12 1.89 -3.76
N ARG B 153 -0.79 0.88 -2.96
CA ARG B 153 0.47 0.17 -3.13
C ARG B 153 0.28 -1.24 -3.71
N ALA B 154 -0.54 -2.06 -3.06
CA ALA B 154 -0.72 -3.45 -3.48
C ALA B 154 -1.20 -3.57 -4.92
N LYS B 155 -0.36 -4.15 -5.77
CA LYS B 155 -0.68 -4.39 -7.19
C LYS B 155 -0.95 -5.87 -7.45
N ILE B 156 -1.76 -6.16 -8.46
CA ILE B 156 -2.25 -7.51 -8.69
C ILE B 156 -1.94 -7.99 -10.11
N MET B 157 -1.05 -8.96 -10.25
CA MET B 157 -0.63 -9.42 -11.58
C MET B 157 -1.58 -10.48 -12.15
N PHE B 158 -1.84 -10.42 -13.46
CA PHE B 158 -2.67 -11.44 -14.10
C PHE B 158 -1.86 -12.28 -15.05
N ALA B 159 -2.29 -13.51 -15.31
CA ALA B 159 -1.61 -14.38 -16.25
C ALA B 159 -1.76 -13.86 -17.68
N ARG B 160 -0.65 -13.49 -18.31
CA ARG B 160 -0.69 -12.94 -19.67
C ARG B 160 -1.53 -13.80 -20.59
N HIS B 161 -1.71 -15.07 -20.20
CA HIS B 161 -2.51 -16.01 -20.98
C HIS B 161 -3.63 -16.67 -20.18
N ALA B 162 -4.81 -16.78 -20.80
CA ALA B 162 -5.96 -17.42 -20.20
C ALA B 162 -6.17 -18.77 -20.86
N ILE B 163 -6.92 -19.67 -20.22
CA ILE B 163 -7.11 -21.02 -20.75
C ILE B 163 -8.54 -21.54 -20.71
N VAL B 164 -8.88 -22.40 -21.66
CA VAL B 164 -10.15 -23.13 -21.63
C VAL B 164 -9.87 -24.61 -21.64
N ARG B 165 -10.25 -25.28 -20.56
CA ARG B 165 -9.92 -26.69 -20.40
C ARG B 165 -11.03 -27.50 -19.72
N PRO B 166 -11.14 -28.79 -20.11
CA PRO B 166 -12.08 -29.75 -19.52
C PRO B 166 -11.80 -29.94 -18.04
N PHE B 167 -12.72 -29.47 -17.20
CA PHE B 167 -12.55 -29.56 -15.76
C PHE B 167 -13.79 -30.18 -15.11
N ASN B 168 -13.57 -31.31 -14.45
CA ASN B 168 -14.64 -32.00 -13.74
C ASN B 168 -15.79 -32.39 -14.65
N GLY B 169 -15.47 -32.64 -15.92
CA GLY B 169 -16.46 -33.09 -16.88
C GLY B 169 -16.78 -32.08 -17.96
N ARG B 170 -17.02 -30.83 -17.54
CA ARG B 170 -17.44 -29.79 -18.47
C ARG B 170 -16.31 -28.87 -18.92
N MET B 171 -16.53 -28.23 -20.07
CA MET B 171 -15.56 -27.29 -20.63
C MET B 171 -15.60 -25.98 -19.88
N THR B 172 -14.61 -25.73 -19.04
CA THR B 172 -14.56 -24.46 -18.31
C THR B 172 -13.41 -23.60 -18.79
N LEU B 173 -13.45 -22.34 -18.34
CA LEU B 173 -12.44 -21.34 -18.69
C LEU B 173 -11.80 -20.85 -17.40
N MET B 174 -10.50 -20.62 -17.41
CA MET B 174 -9.79 -20.19 -16.21
C MET B 174 -8.80 -19.06 -16.48
N VAL B 175 -8.61 -18.21 -15.49
CA VAL B 175 -7.53 -17.22 -15.51
C VAL B 175 -7.06 -17.03 -14.07
N ARG B 176 -5.76 -16.98 -13.86
CA ARG B 176 -5.28 -16.81 -12.49
C ARG B 176 -4.55 -15.51 -12.30
N ALA B 177 -4.69 -14.95 -11.10
CA ALA B 177 -3.99 -13.74 -10.73
C ALA B 177 -3.47 -13.91 -9.31
N ALA B 178 -2.55 -13.05 -8.89
CA ALA B 178 -2.01 -13.16 -7.56
C ALA B 178 -1.45 -11.87 -7.06
N ASN B 179 -1.58 -11.68 -5.74
CA ASN B 179 -1.08 -10.49 -5.10
C ASN B 179 0.38 -10.31 -5.48
N ALA B 180 0.77 -9.11 -5.89
CA ALA B 180 2.11 -8.94 -6.45
C ALA B 180 3.09 -8.04 -5.66
N ARG B 181 2.61 -7.09 -4.89
CA ARG B 181 3.52 -6.25 -4.13
C ARG B 181 3.72 -6.77 -2.70
N GLN B 182 4.44 -6.01 -1.89
CA GLN B 182 4.69 -6.36 -0.50
C GLN B 182 3.40 -6.21 0.29
N ASN B 183 2.59 -5.22 -0.12
CA ASN B 183 1.30 -4.98 0.50
C ASN B 183 0.28 -6.05 0.12
N VAL B 184 -0.40 -6.58 1.12
CA VAL B 184 -1.28 -7.71 0.93
C VAL B 184 -2.69 -7.29 0.60
N ILE B 185 -3.33 -8.08 -0.27
CA ILE B 185 -4.77 -8.11 -0.43
C ILE B 185 -5.21 -9.53 -0.14
N ALA B 186 -5.97 -9.72 0.93
CA ALA B 186 -6.65 -10.99 1.10
C ALA B 186 -8.11 -10.65 1.04
N GLU B 187 -8.97 -11.66 0.91
CA GLU B 187 -10.38 -11.36 0.94
C GLU B 187 -10.67 -10.39 -0.22
N ALA B 188 -10.43 -10.90 -1.43
CA ALA B 188 -10.66 -10.21 -2.70
C ALA B 188 -11.81 -10.83 -3.52
N ARG B 189 -12.65 -9.96 -4.09
CA ARG B 189 -13.78 -10.41 -4.93
C ARG B 189 -13.58 -9.98 -6.38
N ALA B 190 -14.15 -10.72 -7.32
CA ALA B 190 -13.83 -10.47 -8.73
C ALA B 190 -15.05 -10.56 -9.65
N LYS B 191 -15.01 -9.80 -10.75
CA LYS B 191 -16.08 -9.84 -11.74
C LYS B 191 -15.49 -10.12 -13.11
N MET B 192 -16.12 -11.00 -13.87
CA MET B 192 -15.57 -11.38 -15.17
C MET B 192 -16.56 -11.10 -16.28
N ARG B 193 -16.08 -10.45 -17.33
CA ARG B 193 -16.94 -9.97 -18.40
C ARG B 193 -16.51 -10.45 -19.77
N LEU B 194 -17.40 -10.32 -20.74
CA LEU B 194 -17.11 -10.62 -22.14
C LEU B 194 -17.62 -9.53 -23.07
N MET B 195 -16.77 -9.10 -23.99
CA MET B 195 -17.13 -8.07 -24.97
C MET B 195 -17.00 -8.63 -26.39
N ARG B 196 -18.09 -8.57 -27.16
CA ARG B 196 -18.08 -9.08 -28.54
C ARG B 196 -19.12 -8.39 -29.43
N ARG B 197 -19.02 -8.61 -30.74
CA ARG B 197 -19.91 -7.98 -31.72
C ARG B 197 -21.23 -8.75 -31.86
N MET B 207 -21.28 -3.72 -30.47
CA MET B 207 -20.50 -4.37 -29.43
C MET B 207 -21.26 -4.54 -28.10
N LYS B 208 -21.72 -5.76 -27.84
CA LYS B 208 -22.46 -6.03 -26.63
C LYS B 208 -21.54 -6.54 -25.51
N ILE B 209 -21.95 -6.35 -24.26
CA ILE B 209 -21.15 -6.75 -23.08
C ILE B 209 -21.86 -7.78 -22.20
N HIS B 210 -21.29 -8.99 -22.14
CA HIS B 210 -21.89 -10.11 -21.42
C HIS B 210 -21.18 -10.38 -20.10
N ASP B 211 -21.96 -10.70 -19.06
CA ASP B 211 -21.40 -11.08 -17.77
C ASP B 211 -21.20 -12.60 -17.74
N LEU B 212 -20.04 -13.04 -17.26
CA LEU B 212 -19.74 -14.45 -17.17
C LEU B 212 -19.77 -14.92 -15.72
N LYS B 213 -20.70 -15.81 -15.40
CA LYS B 213 -20.86 -16.31 -14.04
C LYS B 213 -19.63 -17.07 -13.54
N LEU B 214 -18.92 -16.51 -12.56
CA LEU B 214 -17.76 -17.16 -11.98
C LEU B 214 -18.15 -18.26 -11.02
N VAL B 215 -17.42 -19.37 -11.07
CA VAL B 215 -17.66 -20.49 -10.16
C VAL B 215 -17.55 -19.99 -8.73
N ARG B 216 -16.64 -19.04 -8.52
CA ARG B 216 -16.50 -18.42 -7.21
C ARG B 216 -16.26 -16.93 -7.39
N ASN B 217 -17.04 -16.13 -6.67
CA ASN B 217 -17.00 -14.67 -6.83
C ASN B 217 -16.02 -13.99 -5.90
N GLU B 218 -15.83 -14.57 -4.72
CA GLU B 218 -14.93 -14.00 -3.72
C GLU B 218 -13.89 -15.01 -3.29
N HIS B 219 -12.72 -14.53 -2.88
CA HIS B 219 -11.67 -15.42 -2.41
C HIS B 219 -11.11 -14.97 -1.07
N PRO B 220 -11.33 -15.78 -0.02
CA PRO B 220 -10.95 -15.58 1.39
C PRO B 220 -9.46 -15.31 1.61
N ILE B 221 -8.64 -16.31 1.34
CA ILE B 221 -7.22 -16.19 1.57
C ILE B 221 -6.48 -16.02 0.24
N PHE B 222 -6.51 -14.80 -0.26
CA PHE B 222 -5.97 -14.47 -1.57
C PHE B 222 -4.47 -14.29 -1.46
N LEU B 223 -3.98 -14.33 -0.22
CA LEU B 223 -2.59 -14.04 0.07
C LEU B 223 -1.59 -14.89 -0.72
N LEU B 224 -2.07 -15.96 -1.35
CA LEU B 224 -1.20 -16.74 -2.22
C LEU B 224 -1.50 -16.47 -3.69
N GLY B 225 -2.47 -17.19 -4.25
CA GLY B 225 -2.88 -16.98 -5.62
C GLY B 225 -4.35 -17.31 -5.80
N TRP B 226 -4.90 -16.96 -6.95
CA TRP B 226 -6.29 -17.26 -7.22
C TRP B 226 -6.50 -17.77 -8.64
N ASN B 227 -7.18 -18.91 -8.76
CA ASN B 227 -7.48 -19.49 -10.04
C ASN B 227 -8.97 -19.29 -10.35
N MET B 228 -9.29 -18.20 -11.04
CA MET B 228 -10.68 -17.86 -11.35
C MET B 228 -11.20 -18.66 -12.52
N MET B 229 -12.42 -19.16 -12.40
CA MET B 229 -12.95 -20.03 -13.45
C MET B 229 -14.47 -19.98 -13.72
N HIS B 230 -14.84 -20.07 -15.00
CA HIS B 230 -16.21 -19.92 -15.46
C HIS B 230 -16.58 -21.09 -16.36
N VAL B 231 -17.60 -21.84 -15.95
CA VAL B 231 -18.02 -23.03 -16.69
C VAL B 231 -18.76 -22.64 -17.95
N ILE B 232 -18.38 -23.25 -19.07
CA ILE B 232 -18.99 -22.91 -20.35
C ILE B 232 -20.13 -23.86 -20.72
N ASP B 233 -21.14 -23.94 -19.85
CA ASP B 233 -22.30 -24.79 -20.10
C ASP B 233 -23.38 -24.02 -20.87
N GLU B 234 -24.60 -24.56 -20.85
CA GLU B 234 -25.71 -24.00 -21.63
C GLU B 234 -25.94 -22.51 -21.38
N SER B 235 -25.89 -22.10 -20.12
CA SER B 235 -26.18 -20.73 -19.74
C SER B 235 -25.07 -19.74 -20.14
N SER B 236 -23.83 -20.23 -20.21
CA SER B 236 -22.70 -19.39 -20.56
C SER B 236 -22.86 -18.74 -21.92
N PRO B 237 -22.62 -17.42 -21.98
CA PRO B 237 -22.67 -16.68 -23.24
C PRO B 237 -21.58 -17.17 -24.19
N LEU B 238 -20.66 -17.99 -23.68
CA LEU B 238 -19.56 -18.52 -24.48
C LEU B 238 -19.86 -19.89 -25.06
N PHE B 239 -20.96 -20.48 -24.59
CA PHE B 239 -21.36 -21.81 -25.05
C PHE B 239 -21.43 -21.85 -26.57
N GLY B 240 -20.85 -22.90 -27.14
CA GLY B 240 -20.83 -23.04 -28.58
C GLY B 240 -20.13 -21.85 -29.21
N GLU B 241 -18.83 -21.75 -29.00
CA GLU B 241 -18.03 -20.72 -29.65
C GLU B 241 -16.59 -21.17 -29.86
N THR B 242 -16.29 -21.65 -31.07
CA THR B 242 -14.95 -22.07 -31.42
C THR B 242 -14.01 -20.89 -31.43
N PRO B 243 -12.71 -21.14 -31.25
CA PRO B 243 -11.72 -20.07 -31.24
C PRO B 243 -11.92 -19.14 -32.43
N GLU B 244 -12.35 -19.73 -33.55
CA GLU B 244 -12.64 -18.96 -34.75
C GLU B 244 -13.88 -18.11 -34.55
N SER B 245 -14.87 -18.69 -33.87
CA SER B 245 -16.13 -18.01 -33.60
C SER B 245 -15.92 -16.75 -32.75
N LEU B 246 -14.84 -16.73 -31.98
CA LEU B 246 -14.52 -15.55 -31.18
C LEU B 246 -14.04 -14.42 -32.07
N ALA B 247 -12.91 -14.65 -32.73
CA ALA B 247 -12.32 -13.68 -33.64
C ALA B 247 -13.38 -13.01 -34.53
N GLU B 248 -14.24 -13.83 -35.11
CA GLU B 248 -15.29 -13.34 -36.00
C GLU B 248 -16.04 -12.14 -35.40
N GLY B 249 -16.17 -12.13 -34.08
CA GLY B 249 -16.88 -11.06 -33.39
C GLY B 249 -15.98 -10.20 -32.51
N ARG B 250 -14.66 -10.34 -32.71
CA ARG B 250 -13.68 -9.56 -31.98
C ARG B 250 -13.85 -9.67 -30.47
N ALA B 251 -14.03 -10.90 -29.99
CA ALA B 251 -14.26 -11.17 -28.58
C ALA B 251 -13.15 -10.64 -27.68
N MET B 252 -13.51 -10.32 -26.45
CA MET B 252 -12.54 -9.83 -25.49
C MET B 252 -12.95 -10.20 -24.06
N LEU B 253 -12.00 -10.70 -23.29
CA LEU B 253 -12.27 -11.11 -21.91
C LEU B 253 -11.77 -10.06 -20.93
N LEU B 254 -12.65 -9.58 -20.05
CA LEU B 254 -12.29 -8.54 -19.10
C LEU B 254 -12.51 -9.00 -17.69
N VAL B 255 -11.44 -9.16 -16.94
CA VAL B 255 -11.59 -9.50 -15.54
C VAL B 255 -11.26 -8.29 -14.67
N MET B 256 -11.69 -8.34 -13.42
CA MET B 256 -11.45 -7.23 -12.50
C MET B 256 -11.58 -7.67 -11.06
N ILE B 257 -10.53 -7.42 -10.29
CA ILE B 257 -10.46 -7.86 -8.91
C ILE B 257 -10.34 -6.65 -8.02
N GLU B 258 -11.22 -6.59 -7.04
CA GLU B 258 -11.25 -5.51 -6.06
C GLU B 258 -10.97 -6.13 -4.69
N GLY B 259 -10.39 -5.38 -3.78
CA GLY B 259 -10.09 -5.91 -2.46
C GLY B 259 -9.42 -4.83 -1.63
N SER B 260 -9.38 -4.99 -0.32
CA SER B 260 -8.76 -3.94 0.48
C SER B 260 -7.35 -4.29 0.99
N ASP B 261 -6.48 -3.29 0.88
CA ASP B 261 -5.16 -3.30 1.52
C ASP B 261 -5.37 -3.23 3.03
N GLU B 262 -5.19 -4.36 3.71
CA GLU B 262 -5.46 -4.49 5.13
C GLU B 262 -4.65 -3.50 5.98
N THR B 263 -3.70 -2.82 5.34
CA THR B 263 -2.74 -1.97 6.04
C THR B 263 -3.10 -0.48 6.01
N THR B 264 -3.87 -0.08 5.01
CA THR B 264 -4.28 1.31 4.86
C THR B 264 -5.79 1.47 4.76
N ALA B 265 -6.48 0.33 4.62
CA ALA B 265 -7.94 0.30 4.47
C ALA B 265 -8.36 0.75 3.08
N GLN B 266 -7.38 1.11 2.26
CA GLN B 266 -7.64 1.60 0.91
C GLN B 266 -8.16 0.47 0.04
N VAL B 267 -9.34 0.63 -0.55
CA VAL B 267 -9.91 -0.43 -1.37
C VAL B 267 -9.38 -0.42 -2.81
N MET B 268 -8.33 -1.21 -3.05
CA MET B 268 -7.60 -1.22 -4.31
C MET B 268 -8.24 -2.15 -5.34
N GLN B 269 -8.44 -1.64 -6.56
CA GLN B 269 -8.97 -2.46 -7.64
C GLN B 269 -7.95 -2.58 -8.78
N ALA B 270 -8.03 -3.67 -9.53
CA ALA B 270 -7.12 -3.90 -10.64
C ALA B 270 -7.88 -4.57 -11.76
N ARG B 271 -7.41 -4.41 -12.99
CA ARG B 271 -8.15 -4.83 -14.18
C ARG B 271 -7.29 -5.41 -15.29
N HIS B 272 -7.75 -6.47 -15.95
CA HIS B 272 -7.00 -7.10 -17.03
C HIS B 272 -7.89 -7.49 -18.20
N ALA B 273 -7.33 -7.43 -19.39
CA ALA B 273 -8.04 -7.77 -20.61
C ALA B 273 -7.28 -8.79 -21.45
N TRP B 274 -8.00 -9.80 -21.96
CA TRP B 274 -7.40 -10.79 -22.85
C TRP B 274 -8.04 -10.70 -24.22
N GLU B 275 -7.21 -10.77 -25.27
CA GLU B 275 -7.71 -10.89 -26.63
C GLU B 275 -7.96 -12.37 -26.88
N HIS B 276 -8.82 -12.68 -27.84
CA HIS B 276 -9.13 -14.07 -28.19
C HIS B 276 -7.91 -14.94 -28.51
N ASP B 277 -6.90 -14.35 -29.16
CA ASP B 277 -5.65 -15.05 -29.45
C ASP B 277 -4.75 -15.19 -28.22
N ASP B 278 -5.25 -14.75 -27.06
CA ASP B 278 -4.51 -14.86 -25.80
C ASP B 278 -5.09 -15.95 -24.91
N ILE B 279 -6.24 -16.49 -25.32
CA ILE B 279 -6.80 -17.68 -24.71
C ILE B 279 -6.22 -18.92 -25.38
N ARG B 280 -5.63 -19.79 -24.58
CA ARG B 280 -5.08 -21.04 -25.09
C ARG B 280 -6.07 -22.15 -24.79
N TRP B 281 -6.39 -22.93 -25.82
CA TRP B 281 -7.42 -23.97 -25.73
C TRP B 281 -6.88 -25.32 -25.29
N HIS B 282 -7.59 -25.94 -24.35
CA HIS B 282 -7.22 -27.25 -23.82
C HIS B 282 -5.86 -27.21 -23.17
N HIS B 283 -5.53 -26.09 -22.54
CA HIS B 283 -4.26 -25.95 -21.81
C HIS B 283 -4.51 -25.97 -20.29
N ARG B 284 -3.42 -25.90 -19.52
CA ARG B 284 -3.52 -25.83 -18.07
C ARG B 284 -2.40 -24.97 -17.50
N TYR B 285 -2.62 -24.42 -16.30
CA TYR B 285 -1.59 -23.60 -15.69
C TYR B 285 -0.53 -24.46 -14.99
N VAL B 286 0.73 -24.27 -15.38
CA VAL B 286 1.85 -24.92 -14.73
C VAL B 286 1.80 -24.66 -13.23
N ASP B 287 1.69 -25.71 -12.43
CA ASP B 287 1.56 -25.56 -10.98
C ASP B 287 2.72 -24.83 -10.31
N LEU B 288 2.35 -23.73 -9.65
CA LEU B 288 3.27 -22.76 -9.08
C LEU B 288 3.38 -22.93 -7.58
N MET B 289 3.49 -24.17 -7.11
CA MET B 289 3.48 -24.43 -5.68
C MET B 289 4.16 -25.75 -5.30
N SER B 290 5.46 -25.70 -5.04
CA SER B 290 6.21 -26.90 -4.66
C SER B 290 6.07 -27.19 -3.17
N ASP B 291 6.69 -28.28 -2.72
CA ASP B 291 6.65 -28.69 -1.31
C ASP B 291 8.00 -29.26 -0.87
N VAL B 292 8.45 -28.83 0.31
CA VAL B 292 9.75 -29.27 0.82
C VAL B 292 9.82 -29.22 2.35
N ASP B 293 10.30 -30.31 2.95
CA ASP B 293 10.40 -30.41 4.40
C ASP B 293 9.05 -30.33 5.08
N GLY B 294 8.00 -30.73 4.36
CA GLY B 294 6.65 -30.64 4.86
C GLY B 294 6.11 -29.23 4.71
N MET B 295 6.95 -28.35 4.18
CA MET B 295 6.59 -26.95 4.00
C MET B 295 6.39 -26.66 2.51
N THR B 296 5.22 -26.16 2.16
CA THR B 296 4.90 -25.88 0.76
C THR B 296 5.14 -24.41 0.41
N HIS B 297 5.91 -24.16 -0.65
CA HIS B 297 6.11 -22.81 -1.15
C HIS B 297 5.58 -22.66 -2.58
N ILE B 298 5.60 -21.43 -3.08
CA ILE B 298 4.97 -21.12 -4.36
C ILE B 298 5.90 -20.30 -5.26
N ASP B 299 6.33 -20.89 -6.37
CA ASP B 299 7.24 -20.21 -7.28
C ASP B 299 6.48 -19.47 -8.38
N TYR B 300 6.67 -18.16 -8.44
CA TYR B 300 5.98 -17.33 -9.42
C TYR B 300 6.75 -17.23 -10.74
N THR B 301 8.01 -17.64 -10.69
CA THR B 301 8.89 -17.58 -11.85
C THR B 301 8.23 -18.07 -13.14
N ARG B 302 7.25 -18.95 -12.99
CA ARG B 302 6.55 -19.56 -14.11
C ARG B 302 5.04 -19.30 -13.99
N PHE B 303 4.68 -18.05 -13.77
CA PHE B 303 3.29 -17.67 -13.46
C PHE B 303 2.34 -17.74 -14.65
N ASN B 304 2.71 -17.16 -15.78
CA ASN B 304 1.84 -17.18 -16.96
C ASN B 304 2.25 -18.24 -17.99
N ASP B 305 2.61 -19.42 -17.51
CA ASP B 305 3.03 -20.52 -18.36
C ASP B 305 2.00 -21.65 -18.38
N THR B 306 1.75 -22.23 -19.55
CA THR B 306 0.74 -23.27 -19.68
C THR B 306 1.21 -24.53 -20.43
N GLU B 307 0.43 -25.59 -20.32
CA GLU B 307 0.72 -26.85 -20.99
C GLU B 307 -0.57 -27.57 -21.37
N PRO B 308 -0.72 -27.88 -22.66
CA PRO B 308 -1.88 -28.62 -23.17
C PRO B 308 -2.14 -29.89 -22.36
N VAL B 309 -3.40 -30.31 -22.25
CA VAL B 309 -3.75 -31.49 -21.48
C VAL B 309 -3.60 -32.78 -22.28
#